data_6CEL
#
_entry.id   6CEL
#
_cell.length_a   83.050
_cell.length_b   82.950
_cell.length_c   110.850
_cell.angle_alpha   90.00
_cell.angle_beta   90.00
_cell.angle_gamma   90.00
#
_symmetry.space_group_name_H-M   'I 2 2 2'
#
loop_
_entity.id
_entity.type
_entity.pdbx_description
1 polymer '1,4-BETA-D-GLUCAN CELLOBIOHYDROLASE I'
2 branched beta-D-glucopyranose-(1-4)-beta-D-glucopyranose-(1-4)-beta-D-glucopyranose-(1-4)-beta-D-glucopyranose
3 branched beta-D-glucopyranose-(1-4)-beta-D-glucopyranose-(1-4)-beta-D-glucopyranose-(1-4)-beta-D-glucopyranose-(1-4)-beta-D-glucopyranose
4 non-polymer 2-acetamido-2-deoxy-beta-D-glucopyranose
5 non-polymer 'COBALT (II) ION'
6 water water
#
_entity_poly.entity_id   1
_entity_poly.type   'polypeptide(L)'
_entity_poly.pdbx_seq_one_letter_code
;(PCA)SACTLQSETHPPLTWQKCSSGGTCTQQTGSVVIDANWRWTHATNSSTNCYDGNTWSSTLCPDNETCAKNCCLDGA
AYASTYGVTTSGNSLSIDFVTQSAQKNVGARLYLMASDTTYQEFTLLGNEFSFDVDVSQLPCGLNGALYFVSMDADGGVS
KYPTNTAGAKYGTGYCDSQCPRDLKFINGQANVEGWEPSSNNANTGIGGHGSCCSQMDIWEANSISEALTPHPCTTVGQE
ICEGDGCGGTYSDNRYGGTCDPDGCDWNPYRLGNTSFYGPGSSFTLDTTKKLTVVTQFETSGAINRYYVQNGVTFQQPNA
ELGSYSGNELNDDYCTAEEAEFGGSSFSDKGGLTQFKKATSGGMVLVMSLWDDYYANMLWLDSTYPTNETSSTPGAVRGS
CSTSSGVPAQVESQSPNAKVTFSNIKFGPIGSTGNPSG
;
_entity_poly.pdbx_strand_id   A
#
# COMPACT_ATOMS: atom_id res chain seq x y z
N SER A 2 -19.50 4.71 13.93
CA SER A 2 -19.13 4.57 15.33
C SER A 2 -18.49 3.19 15.49
N ALA A 3 -18.09 2.85 16.70
CA ALA A 3 -17.48 1.56 16.94
C ALA A 3 -18.39 0.71 17.82
N CYS A 4 -18.44 -0.59 17.53
CA CYS A 4 -19.24 -1.53 18.31
C CYS A 4 -18.29 -2.55 18.89
N THR A 5 -18.74 -3.26 19.92
CA THR A 5 -17.89 -4.23 20.58
C THR A 5 -18.42 -5.64 20.74
N LEU A 6 -19.09 -6.15 19.71
CA LEU A 6 -19.59 -7.52 19.75
C LEU A 6 -18.39 -8.45 19.69
N GLN A 7 -17.33 -7.99 19.02
CA GLN A 7 -16.09 -8.73 18.89
C GLN A 7 -15.01 -7.76 19.36
N SER A 8 -14.18 -8.22 20.30
CA SER A 8 -13.11 -7.38 20.84
C SER A 8 -12.06 -7.04 19.80
N GLU A 9 -11.49 -5.84 19.94
CA GLU A 9 -10.46 -5.36 19.04
C GLU A 9 -9.12 -5.32 19.77
N THR A 10 -8.26 -6.29 19.45
CA THR A 10 -6.94 -6.39 20.05
C THR A 10 -5.91 -6.31 18.93
N HIS A 11 -5.22 -5.19 18.85
CA HIS A 11 -4.21 -4.99 17.81
C HIS A 11 -2.96 -5.82 18.08
N PRO A 12 -2.55 -6.66 17.10
CA PRO A 12 -1.35 -7.48 17.29
C PRO A 12 -0.15 -6.55 17.51
N PRO A 13 0.64 -6.77 18.58
CA PRO A 13 1.79 -5.90 18.82
C PRO A 13 2.90 -6.07 17.78
N LEU A 14 3.65 -5.01 17.57
CA LEU A 14 4.75 -5.05 16.61
C LEU A 14 5.78 -4.04 17.05
N THR A 15 7.00 -4.51 17.25
CA THR A 15 8.08 -3.62 17.64
C THR A 15 8.89 -3.21 16.42
N TRP A 16 9.55 -2.07 16.52
CA TRP A 16 10.39 -1.53 15.46
C TRP A 16 11.53 -0.74 16.10
N GLN A 17 12.58 -0.45 15.35
CA GLN A 17 13.72 0.27 15.89
C GLN A 17 13.80 1.71 15.43
N LYS A 18 14.03 2.61 16.37
CA LYS A 18 14.20 4.04 16.07
C LYS A 18 15.70 4.28 16.27
N CYS A 19 16.39 4.60 15.19
CA CYS A 19 17.84 4.82 15.25
C CYS A 19 18.24 6.29 15.26
N SER A 20 19.42 6.55 15.81
CA SER A 20 19.92 7.92 15.90
C SER A 20 21.24 8.11 15.17
N SER A 21 21.53 9.37 14.84
CA SER A 21 22.76 9.73 14.14
C SER A 21 23.99 9.39 14.97
N GLY A 22 23.78 9.22 16.28
CA GLY A 22 24.86 8.88 17.19
C GLY A 22 25.32 7.44 17.08
N GLY A 23 24.59 6.62 16.34
CA GLY A 23 25.00 5.23 16.16
C GLY A 23 24.30 4.14 16.96
N THR A 24 23.27 4.50 17.70
CA THR A 24 22.54 3.50 18.47
C THR A 24 21.08 3.51 18.07
N CYS A 25 20.41 2.39 18.30
CA CYS A 25 19.00 2.25 17.99
C CYS A 25 18.26 1.83 19.26
N THR A 26 17.03 2.32 19.41
CA THR A 26 16.21 2.00 20.57
C THR A 26 14.89 1.39 20.10
N GLN A 27 14.48 0.30 20.75
CA GLN A 27 13.25 -0.39 20.39
C GLN A 27 12.00 0.40 20.77
N GLN A 28 11.04 0.40 19.85
CA GLN A 28 9.77 1.06 20.02
C GLN A 28 8.71 -0.03 19.99
N THR A 29 7.61 0.18 20.71
CA THR A 29 6.54 -0.81 20.73
C THR A 29 5.27 -0.20 20.17
N GLY A 30 4.80 -0.78 19.08
CA GLY A 30 3.57 -0.32 18.44
C GLY A 30 2.68 -1.53 18.24
N SER A 31 1.77 -1.44 17.29
CA SER A 31 0.86 -2.54 16.97
C SER A 31 0.28 -2.29 15.58
N VAL A 32 -0.45 -3.25 15.03
CA VAL A 32 -1.05 -3.05 13.70
C VAL A 32 -2.56 -3.15 13.78
N VAL A 33 -3.23 -2.41 12.91
CA VAL A 33 -4.69 -2.38 12.84
C VAL A 33 -5.15 -2.56 11.40
N ILE A 34 -6.17 -3.40 11.21
CA ILE A 34 -6.69 -3.66 9.88
C ILE A 34 -7.67 -2.59 9.41
N ASP A 35 -7.59 -2.27 8.12
CA ASP A 35 -8.46 -1.28 7.49
C ASP A 35 -9.94 -1.61 7.70
N ALA A 36 -10.75 -0.55 7.87
CA ALA A 36 -12.19 -0.67 8.10
C ALA A 36 -12.98 -1.48 7.07
N ASN A 37 -12.52 -1.49 5.82
CA ASN A 37 -13.20 -2.24 4.76
C ASN A 37 -13.30 -3.73 5.02
N TRP A 38 -12.34 -4.27 5.77
CA TRP A 38 -12.32 -5.69 6.09
C TRP A 38 -13.28 -6.08 7.22
N ARG A 39 -13.76 -5.09 7.95
CA ARG A 39 -14.62 -5.33 9.10
C ARG A 39 -16.09 -5.56 8.83
N TRP A 40 -16.76 -6.04 9.87
CA TRP A 40 -18.18 -6.28 9.87
C TRP A 40 -18.78 -4.89 10.18
N THR A 41 -19.63 -4.39 9.28
CA THR A 41 -20.30 -3.13 9.49
C THR A 41 -21.75 -3.49 9.79
N HIS A 42 -22.23 -3.19 11.00
CA HIS A 42 -23.61 -3.51 11.38
C HIS A 42 -24.31 -2.36 12.10
N ALA A 43 -25.62 -2.53 12.32
CA ALA A 43 -26.43 -1.53 13.01
C ALA A 43 -25.93 -1.38 14.44
N THR A 44 -25.94 -0.14 14.94
CA THR A 44 -25.46 0.12 16.30
C THR A 44 -26.23 -0.62 17.37
N ASN A 45 -27.53 -0.83 17.14
CA ASN A 45 -28.38 -1.51 18.13
C ASN A 45 -28.68 -3.00 17.92
N SER A 46 -28.04 -3.61 16.93
CA SER A 46 -28.25 -5.03 16.66
C SER A 46 -27.10 -5.66 15.87
N SER A 47 -27.30 -6.89 15.41
CA SER A 47 -26.28 -7.59 14.64
C SER A 47 -26.60 -7.56 13.14
N THR A 48 -27.59 -6.76 12.76
CA THR A 48 -28.01 -6.63 11.37
C THR A 48 -26.97 -5.86 10.57
N ASN A 49 -26.42 -6.48 9.53
CA ASN A 49 -25.41 -5.87 8.68
C ASN A 49 -25.91 -4.61 7.97
N CYS A 50 -25.01 -3.64 7.83
CA CYS A 50 -25.32 -2.42 7.11
C CYS A 50 -24.82 -2.64 5.70
N TYR A 51 -23.84 -3.54 5.58
CA TYR A 51 -23.25 -3.90 4.32
C TYR A 51 -23.09 -5.41 4.32
N ASP A 52 -23.41 -6.05 3.21
CA ASP A 52 -23.32 -7.49 3.11
C ASP A 52 -23.10 -7.82 1.64
N GLY A 53 -22.20 -8.76 1.36
CA GLY A 53 -21.92 -9.11 -0.02
C GLY A 53 -21.32 -7.89 -0.70
N ASN A 54 -21.99 -7.38 -1.74
CA ASN A 54 -21.50 -6.20 -2.46
C ASN A 54 -22.52 -5.07 -2.42
N THR A 55 -23.48 -5.16 -1.52
CA THR A 55 -24.52 -4.14 -1.44
C THR A 55 -24.80 -3.65 -0.03
N TRP A 56 -25.27 -2.40 0.05
CA TRP A 56 -25.62 -1.75 1.30
C TRP A 56 -27.08 -2.01 1.63
N SER A 57 -27.40 -1.98 2.92
CA SER A 57 -28.77 -2.14 3.37
C SER A 57 -29.52 -0.86 2.96
N SER A 58 -30.55 -1.01 2.11
CA SER A 58 -31.32 0.12 1.64
C SER A 58 -32.10 0.86 2.74
N THR A 59 -32.40 0.15 3.83
CA THR A 59 -33.14 0.72 4.94
C THR A 59 -32.23 1.39 5.97
N LEU A 60 -31.15 0.71 6.35
CA LEU A 60 -30.20 1.25 7.33
C LEU A 60 -29.34 2.34 6.68
N CYS A 61 -29.12 2.20 5.38
CA CYS A 61 -28.28 3.14 4.65
C CYS A 61 -28.92 3.74 3.40
N PRO A 62 -29.97 4.56 3.57
CA PRO A 62 -30.66 5.19 2.45
C PRO A 62 -29.84 6.33 1.84
N ASP A 63 -28.88 6.83 2.62
CA ASP A 63 -27.99 7.90 2.19
C ASP A 63 -26.74 7.85 3.06
N ASN A 64 -25.70 8.57 2.65
CA ASN A 64 -24.42 8.56 3.35
C ASN A 64 -24.43 8.96 4.83
N GLU A 65 -25.20 9.98 5.18
CA GLU A 65 -25.25 10.42 6.57
C GLU A 65 -26.05 9.50 7.47
N THR A 66 -27.25 9.13 7.04
CA THR A 66 -28.10 8.24 7.82
C THR A 66 -27.37 6.93 8.06
N CYS A 67 -26.65 6.48 7.05
CA CYS A 67 -25.89 5.24 7.14
C CYS A 67 -24.83 5.32 8.24
N ALA A 68 -24.07 6.41 8.25
CA ALA A 68 -23.01 6.61 9.24
C ALA A 68 -23.60 6.69 10.64
N LYS A 69 -24.79 7.29 10.75
CA LYS A 69 -25.47 7.42 12.04
C LYS A 69 -25.95 6.07 12.58
N ASN A 70 -26.50 5.24 11.69
CA ASN A 70 -27.03 3.93 12.09
C ASN A 70 -26.03 2.80 12.19
N CYS A 71 -24.87 3.00 11.58
CA CYS A 71 -23.87 1.94 11.53
C CYS A 71 -22.56 2.10 12.28
N CYS A 72 -21.98 0.96 12.64
CA CYS A 72 -20.73 0.89 13.37
C CYS A 72 -19.82 -0.23 12.84
N LEU A 73 -18.52 -0.06 13.06
CA LEU A 73 -17.50 -1.03 12.67
C LEU A 73 -17.24 -1.87 13.90
N ASP A 74 -17.03 -3.17 13.74
CA ASP A 74 -16.76 -4.01 14.90
C ASP A 74 -15.34 -4.57 14.87
N GLY A 75 -14.95 -5.22 15.98
CA GLY A 75 -13.62 -5.79 16.10
C GLY A 75 -13.25 -6.87 15.09
N ALA A 76 -11.96 -7.20 15.06
CA ALA A 76 -11.43 -8.18 14.14
C ALA A 76 -10.64 -9.30 14.82
N ALA A 77 -10.86 -10.53 14.38
CA ALA A 77 -10.14 -11.69 14.89
C ALA A 77 -8.98 -11.81 13.91
N TYR A 78 -7.91 -11.09 14.20
CA TYR A 78 -6.73 -11.03 13.34
C TYR A 78 -6.20 -12.33 12.76
N ALA A 79 -5.95 -13.32 13.60
CA ALA A 79 -5.42 -14.60 13.13
C ALA A 79 -6.46 -15.49 12.42
N SER A 80 -7.52 -15.84 13.13
CA SER A 80 -8.55 -16.72 12.61
C SER A 80 -9.35 -16.23 11.42
N THR A 81 -9.64 -14.93 11.37
CA THR A 81 -10.41 -14.39 10.25
C THR A 81 -9.54 -13.79 9.15
N TYR A 82 -8.49 -13.08 9.55
CA TYR A 82 -7.65 -12.38 8.59
C TYR A 82 -6.24 -12.90 8.30
N GLY A 83 -5.84 -13.98 8.96
CA GLY A 83 -4.53 -14.55 8.75
C GLY A 83 -3.37 -13.60 9.02
N VAL A 84 -3.58 -12.71 9.98
CA VAL A 84 -2.58 -11.72 10.35
C VAL A 84 -2.01 -12.06 11.70
N THR A 85 -0.71 -12.28 11.75
CA THR A 85 -0.03 -12.60 13.02
C THR A 85 1.26 -11.79 13.14
N THR A 86 1.71 -11.59 14.38
CA THR A 86 2.95 -10.87 14.63
C THR A 86 3.74 -11.61 15.69
N SER A 87 5.04 -11.39 15.70
CA SER A 87 5.93 -12.00 16.67
C SER A 87 7.15 -11.09 16.78
N GLY A 88 7.20 -10.33 17.86
CA GLY A 88 8.33 -9.42 18.06
C GLY A 88 8.31 -8.35 17.00
N ASN A 89 9.34 -8.34 16.15
CA ASN A 89 9.43 -7.35 15.09
C ASN A 89 8.96 -7.89 13.75
N SER A 90 8.29 -9.04 13.78
CA SER A 90 7.82 -9.67 12.54
C SER A 90 6.30 -9.66 12.40
N LEU A 91 5.85 -9.46 11.16
CA LEU A 91 4.44 -9.43 10.80
C LEU A 91 4.24 -10.32 9.58
N SER A 92 3.31 -11.27 9.69
CA SER A 92 2.99 -12.16 8.59
C SER A 92 1.54 -12.02 8.17
N ILE A 93 1.31 -12.01 6.87
CA ILE A 93 -0.03 -11.88 6.30
C ILE A 93 -0.27 -13.04 5.32
N ASP A 94 -1.27 -13.87 5.60
CA ASP A 94 -1.60 -14.99 4.72
C ASP A 94 -2.47 -14.50 3.57
N PHE A 95 -2.41 -15.18 2.43
CA PHE A 95 -3.19 -14.78 1.27
C PHE A 95 -4.68 -15.12 1.43
N VAL A 96 -5.01 -16.40 1.54
CA VAL A 96 -6.41 -16.78 1.71
C VAL A 96 -6.66 -17.49 3.04
N THR A 97 -7.59 -16.94 3.82
CA THR A 97 -7.94 -17.52 5.11
C THR A 97 -9.43 -17.87 5.05
N GLN A 98 -9.76 -19.08 5.47
CA GLN A 98 -11.13 -19.55 5.48
C GLN A 98 -11.64 -19.66 6.90
N SER A 99 -12.72 -18.97 7.21
CA SER A 99 -13.34 -19.03 8.54
C SER A 99 -14.83 -19.14 8.25
N ALA A 100 -15.65 -18.27 8.84
CA ALA A 100 -17.09 -18.27 8.60
C ALA A 100 -17.25 -18.07 7.09
N GLN A 101 -16.40 -17.21 6.56
CA GLN A 101 -16.36 -16.92 5.13
C GLN A 101 -14.90 -16.75 4.71
N LYS A 102 -14.68 -16.64 3.41
CA LYS A 102 -13.35 -16.49 2.84
C LYS A 102 -12.82 -15.06 2.97
N ASN A 103 -11.53 -14.92 3.25
CA ASN A 103 -10.89 -13.61 3.35
C ASN A 103 -9.62 -13.63 2.51
N VAL A 104 -9.35 -12.53 1.80
CA VAL A 104 -8.17 -12.44 0.97
C VAL A 104 -7.27 -11.29 1.43
N GLY A 105 -6.10 -11.63 1.96
CA GLY A 105 -5.14 -10.64 2.39
C GLY A 105 -5.62 -9.64 3.44
N ALA A 106 -4.93 -8.52 3.51
CA ALA A 106 -5.24 -7.47 4.48
C ALA A 106 -4.42 -6.21 4.22
N ARG A 107 -4.89 -5.11 4.76
CA ARG A 107 -4.19 -3.82 4.68
C ARG A 107 -4.13 -3.39 6.13
N LEU A 108 -2.91 -3.23 6.63
CA LEU A 108 -2.66 -2.88 8.03
C LEU A 108 -1.87 -1.59 8.20
N TYR A 109 -2.13 -0.90 9.31
CA TYR A 109 -1.45 0.36 9.62
C TYR A 109 -0.71 0.23 10.94
N LEU A 110 0.49 0.81 11.01
CA LEU A 110 1.27 0.76 12.24
C LEU A 110 0.72 1.83 13.18
N MET A 111 0.44 1.44 14.42
CA MET A 111 -0.12 2.35 15.41
C MET A 111 0.89 2.86 16.45
N ALA A 112 0.61 4.05 16.97
CA ALA A 112 1.41 4.68 18.02
C ALA A 112 0.81 4.23 19.36
N SER A 113 -0.51 4.19 19.41
CA SER A 113 -1.24 3.75 20.60
C SER A 113 -2.45 3.00 20.04
N ASP A 114 -3.27 2.41 20.90
CA ASP A 114 -4.43 1.68 20.42
C ASP A 114 -5.50 2.55 19.77
N THR A 115 -5.31 3.87 19.78
CA THR A 115 -6.28 4.78 19.19
C THR A 115 -5.66 5.80 18.22
N THR A 116 -4.37 5.65 17.92
CA THR A 116 -3.69 6.58 17.00
C THR A 116 -2.66 5.87 16.13
N TYR A 117 -2.48 6.39 14.92
CA TYR A 117 -1.50 5.87 13.98
C TYR A 117 -0.14 6.50 14.26
N GLN A 118 0.92 5.75 13.98
CA GLN A 118 2.28 6.24 14.15
C GLN A 118 2.57 7.07 12.90
N GLU A 119 3.12 8.27 13.08
CA GLU A 119 3.47 9.13 11.94
C GLU A 119 4.99 9.14 11.81
N PHE A 120 5.48 9.15 10.56
CA PHE A 120 6.91 9.16 10.26
C PHE A 120 7.22 10.31 9.30
N THR A 121 8.31 11.03 9.54
CA THR A 121 8.72 12.11 8.65
C THR A 121 9.90 11.50 7.89
N LEU A 122 9.66 11.17 6.62
CA LEU A 122 10.69 10.53 5.79
C LEU A 122 11.86 11.39 5.33
N LEU A 123 11.60 12.67 5.02
CA LEU A 123 12.66 13.55 4.56
C LEU A 123 13.85 13.62 5.50
N GLY A 124 15.04 13.39 4.94
CA GLY A 124 16.26 13.40 5.72
C GLY A 124 16.51 12.09 6.45
N ASN A 125 15.57 11.16 6.35
CA ASN A 125 15.70 9.87 7.02
C ASN A 125 15.71 8.69 6.06
N GLU A 126 15.89 7.52 6.63
CA GLU A 126 15.87 6.29 5.85
C GLU A 126 15.04 5.26 6.60
N PHE A 127 14.42 4.38 5.82
CA PHE A 127 13.56 3.34 6.35
C PHE A 127 14.13 2.01 5.86
N SER A 128 14.32 1.07 6.78
CA SER A 128 14.86 -0.23 6.46
C SER A 128 13.92 -1.33 6.97
N PHE A 129 13.87 -2.44 6.25
CA PHE A 129 13.03 -3.57 6.64
C PHE A 129 13.48 -4.84 5.93
N ASP A 130 13.20 -5.97 6.56
CA ASP A 130 13.51 -7.28 6.00
C ASP A 130 12.20 -7.83 5.43
N VAL A 131 12.29 -8.58 4.34
CA VAL A 131 11.09 -9.14 3.75
C VAL A 131 11.35 -10.49 3.11
N ASP A 132 10.38 -11.37 3.27
CA ASP A 132 10.44 -12.69 2.68
C ASP A 132 9.27 -12.73 1.69
N VAL A 133 9.61 -12.72 0.40
CA VAL A 133 8.62 -12.74 -0.67
C VAL A 133 8.61 -14.11 -1.36
N SER A 134 9.31 -15.09 -0.80
CA SER A 134 9.42 -16.43 -1.38
C SER A 134 8.07 -17.09 -1.69
N GLN A 135 7.07 -16.78 -0.88
CA GLN A 135 5.75 -17.36 -1.06
C GLN A 135 4.77 -16.45 -1.82
N LEU A 136 5.31 -15.55 -2.63
CA LEU A 136 4.49 -14.64 -3.42
C LEU A 136 4.70 -14.88 -4.92
N PRO A 137 3.80 -15.65 -5.54
CA PRO A 137 3.90 -15.94 -6.97
C PRO A 137 3.34 -14.79 -7.82
N CYS A 138 3.36 -14.97 -9.14
CA CYS A 138 2.83 -13.99 -10.08
C CYS A 138 1.41 -13.60 -9.67
N GLY A 139 1.09 -12.32 -9.82
CA GLY A 139 -0.24 -11.84 -9.50
C GLY A 139 -0.46 -11.35 -8.09
N LEU A 140 0.48 -11.61 -7.19
CA LEU A 140 0.36 -11.15 -5.80
C LEU A 140 1.26 -9.95 -5.54
N ASN A 141 0.89 -9.16 -4.53
CA ASN A 141 1.65 -7.96 -4.20
C ASN A 141 1.73 -7.76 -2.68
N GLY A 142 2.91 -7.99 -2.13
CA GLY A 142 3.12 -7.76 -0.71
C GLY A 142 3.67 -6.35 -0.71
N ALA A 143 2.86 -5.39 -0.26
CA ALA A 143 3.27 -3.99 -0.26
C ALA A 143 3.56 -3.36 1.10
N LEU A 144 4.54 -2.47 1.11
CA LEU A 144 4.93 -1.71 2.29
C LEU A 144 5.06 -0.29 1.76
N TYR A 145 4.28 0.62 2.30
CA TYR A 145 4.30 1.99 1.82
C TYR A 145 3.83 3.00 2.87
N PHE A 146 3.87 4.27 2.50
CA PHE A 146 3.47 5.37 3.38
C PHE A 146 2.40 6.23 2.69
N VAL A 147 1.44 6.73 3.45
CA VAL A 147 0.39 7.60 2.92
C VAL A 147 0.15 8.75 3.89
N SER A 148 -0.24 9.92 3.38
CA SER A 148 -0.48 11.09 4.23
C SER A 148 -1.84 11.08 4.93
N MET A 149 -2.00 10.13 5.84
CA MET A 149 -3.22 9.97 6.63
C MET A 149 -3.16 10.74 7.95
N ASP A 150 -4.33 11.09 8.49
CA ASP A 150 -4.42 11.78 9.78
C ASP A 150 -4.11 10.74 10.86
N ALA A 151 -3.46 11.16 11.94
CA ALA A 151 -3.09 10.25 13.02
C ALA A 151 -4.30 9.64 13.75
N ASP A 152 -5.42 10.36 13.76
CA ASP A 152 -6.62 9.86 14.42
C ASP A 152 -7.60 9.14 13.51
N GLY A 153 -7.23 8.99 12.24
CA GLY A 153 -8.11 8.31 11.28
C GLY A 153 -9.24 9.18 10.77
N GLY A 154 -9.15 10.48 11.03
CA GLY A 154 -10.14 11.44 10.56
C GLY A 154 -11.19 11.91 11.57
N VAL A 155 -11.12 11.43 12.82
CA VAL A 155 -12.08 11.78 13.86
C VAL A 155 -12.22 13.28 14.16
N SER A 156 -11.11 13.98 14.32
CA SER A 156 -11.18 15.42 14.64
C SER A 156 -11.83 16.25 13.54
N LYS A 157 -11.54 15.92 12.29
CA LYS A 157 -12.13 16.67 11.18
C LYS A 157 -13.59 16.28 10.90
N TYR A 158 -13.91 15.01 11.17
CA TYR A 158 -15.26 14.50 10.91
C TYR A 158 -15.83 13.76 12.11
N PRO A 159 -16.46 14.50 13.03
CA PRO A 159 -17.09 14.04 14.26
C PRO A 159 -18.03 12.83 14.13
N THR A 160 -18.64 12.66 12.95
CA THR A 160 -19.54 11.52 12.73
C THR A 160 -18.76 10.19 12.63
N ASN A 161 -17.43 10.30 12.63
CA ASN A 161 -16.55 9.14 12.63
C ASN A 161 -15.98 9.11 14.05
N THR A 162 -16.53 8.22 14.88
CA THR A 162 -16.05 8.09 16.25
C THR A 162 -15.28 6.79 16.41
N ALA A 163 -15.18 6.02 15.32
CA ALA A 163 -14.46 4.76 15.33
C ALA A 163 -12.95 5.03 15.34
N GLY A 164 -12.51 5.86 14.40
CA GLY A 164 -11.11 6.25 14.30
C GLY A 164 -10.06 5.23 13.94
N ALA A 165 -8.81 5.58 14.21
CA ALA A 165 -7.64 4.74 13.93
C ALA A 165 -7.72 3.37 14.56
N LYS A 166 -8.42 3.28 15.71
CA LYS A 166 -8.58 2.03 16.42
C LYS A 166 -9.28 0.98 15.56
N TYR A 167 -10.11 1.46 14.64
CA TYR A 167 -10.85 0.59 13.74
C TYR A 167 -10.43 0.76 12.29
N GLY A 168 -9.22 1.26 12.10
CA GLY A 168 -8.66 1.45 10.77
C GLY A 168 -9.40 2.34 9.80
N THR A 169 -9.89 3.49 10.27
CA THR A 169 -10.59 4.42 9.39
C THR A 169 -9.58 5.45 8.86
N GLY A 170 -10.03 6.25 7.90
CA GLY A 170 -9.21 7.32 7.36
C GLY A 170 -8.27 7.06 6.21
N TYR A 171 -8.29 5.87 5.63
CA TYR A 171 -7.39 5.56 4.52
C TYR A 171 -7.52 6.50 3.33
N CYS A 172 -6.40 6.67 2.64
CA CYS A 172 -6.31 7.48 1.42
C CYS A 172 -5.01 7.08 0.76
N ASP A 173 -4.98 7.18 -0.57
CA ASP A 173 -3.77 6.91 -1.34
C ASP A 173 -3.85 7.61 -2.69
N SER A 174 -2.81 7.48 -3.52
CA SER A 174 -2.79 8.16 -4.81
C SER A 174 -3.79 7.72 -5.86
N GLN A 175 -4.54 6.66 -5.58
CA GLN A 175 -5.56 6.18 -6.51
C GLN A 175 -6.89 6.85 -6.20
N CYS A 176 -6.93 7.61 -5.10
CA CYS A 176 -8.17 8.27 -4.66
C CYS A 176 -9.26 7.18 -4.59
N PRO A 177 -8.96 6.04 -3.92
CA PRO A 177 -9.88 4.90 -3.78
C PRO A 177 -11.33 5.20 -3.47
N ARG A 178 -12.21 4.70 -4.33
CA ARG A 178 -13.66 4.88 -4.20
C ARG A 178 -14.35 3.61 -3.69
N ASP A 179 -13.56 2.57 -3.39
CA ASP A 179 -14.08 1.30 -2.88
C ASP A 179 -14.27 1.31 -1.37
N LEU A 180 -13.79 2.37 -0.73
CA LEU A 180 -13.90 2.53 0.72
C LEU A 180 -15.36 2.74 1.10
N LYS A 181 -15.82 2.02 2.12
CA LYS A 181 -17.20 2.11 2.57
C LYS A 181 -17.51 3.35 3.41
N PHE A 182 -16.49 3.88 4.08
CA PHE A 182 -16.65 5.09 4.88
C PHE A 182 -15.52 6.07 4.57
N ILE A 183 -15.90 7.30 4.23
CA ILE A 183 -14.96 8.37 3.92
C ILE A 183 -15.49 9.66 4.56
N ASN A 184 -14.64 10.33 5.33
CA ASN A 184 -15.00 11.58 5.99
C ASN A 184 -16.22 11.50 6.91
N GLY A 185 -16.29 10.42 7.70
CA GLY A 185 -17.38 10.24 8.63
C GLY A 185 -18.75 9.97 8.03
N GLN A 186 -18.78 9.67 6.74
CA GLN A 186 -20.02 9.38 6.02
C GLN A 186 -19.83 8.07 5.25
N ALA A 187 -20.92 7.36 4.99
CA ALA A 187 -20.82 6.12 4.23
C ALA A 187 -20.59 6.48 2.76
N ASN A 188 -20.36 5.48 1.93
CA ASN A 188 -20.13 5.73 0.51
C ASN A 188 -21.22 5.02 -0.29
N VAL A 189 -22.40 4.89 0.32
CA VAL A 189 -23.54 4.22 -0.32
C VAL A 189 -24.09 4.95 -1.54
N GLU A 190 -24.06 6.28 -1.54
CA GLU A 190 -24.56 7.04 -2.67
C GLU A 190 -23.67 6.83 -3.90
N GLY A 191 -24.29 6.36 -4.98
CA GLY A 191 -23.57 6.11 -6.22
C GLY A 191 -22.88 4.75 -6.24
N TRP A 192 -23.17 3.90 -5.25
CA TRP A 192 -22.56 2.58 -5.16
C TRP A 192 -22.90 1.65 -6.32
N GLU A 193 -21.86 1.07 -6.89
CA GLU A 193 -21.97 0.14 -8.00
C GLU A 193 -21.14 -1.07 -7.63
N PRO A 194 -21.76 -2.25 -7.53
CA PRO A 194 -21.04 -3.47 -7.17
C PRO A 194 -20.03 -3.86 -8.23
N SER A 195 -18.95 -4.50 -7.81
CA SER A 195 -17.91 -4.96 -8.73
C SER A 195 -18.45 -6.07 -9.60
N SER A 196 -17.83 -6.27 -10.75
CA SER A 196 -18.24 -7.33 -11.68
C SER A 196 -17.67 -8.67 -11.27
N ASN A 197 -16.49 -8.63 -10.66
CA ASN A 197 -15.74 -9.83 -10.28
C ASN A 197 -15.49 -10.10 -8.79
N ASN A 198 -15.67 -9.09 -7.94
CA ASN A 198 -15.42 -9.28 -6.52
C ASN A 198 -16.73 -9.22 -5.72
N ALA A 199 -17.12 -10.37 -5.19
CA ALA A 199 -18.37 -10.52 -4.42
C ALA A 199 -18.51 -9.61 -3.19
N ASN A 200 -17.38 -9.16 -2.64
CA ASN A 200 -17.39 -8.30 -1.45
C ASN A 200 -17.23 -6.82 -1.73
N THR A 201 -16.95 -6.46 -2.97
CA THR A 201 -16.67 -5.06 -3.28
C THR A 201 -17.55 -4.27 -4.24
N GLY A 202 -17.33 -2.96 -4.22
CA GLY A 202 -18.05 -2.04 -5.09
C GLY A 202 -17.29 -0.72 -5.20
N ILE A 203 -17.91 0.25 -5.87
CA ILE A 203 -17.33 1.57 -6.09
C ILE A 203 -18.40 2.61 -5.78
N GLY A 204 -18.07 3.53 -4.87
CA GLY A 204 -19.03 4.55 -4.50
C GLY A 204 -18.82 5.90 -5.17
N GLY A 205 -19.69 6.85 -4.84
CA GLY A 205 -19.60 8.18 -5.41
C GLY A 205 -18.47 9.05 -4.90
N HIS A 206 -17.79 8.61 -3.84
CA HIS A 206 -16.66 9.35 -3.26
C HIS A 206 -15.38 8.53 -3.22
N GLY A 207 -14.26 9.25 -3.20
CA GLY A 207 -12.96 8.62 -3.12
C GLY A 207 -12.15 9.36 -2.06
N SER A 208 -11.02 8.78 -1.65
CA SER A 208 -10.18 9.42 -0.63
C SER A 208 -8.74 9.55 -1.12
N CYS A 209 -8.35 10.77 -1.47
CA CYS A 209 -7.01 11.06 -2.01
C CYS A 209 -5.94 11.52 -1.03
N CYS A 210 -4.69 11.22 -1.36
CA CYS A 210 -3.51 11.67 -0.61
C CYS A 210 -2.20 11.12 -1.14
N SER A 211 -1.13 11.83 -0.82
CA SER A 211 0.21 11.45 -1.24
C SER A 211 0.55 10.03 -0.81
N GLN A 212 1.32 9.36 -1.65
CA GLN A 212 1.70 7.98 -1.37
C GLN A 212 3.12 7.65 -1.78
N MET A 213 3.89 7.13 -0.84
CA MET A 213 5.27 6.71 -1.10
C MET A 213 5.29 5.18 -1.12
N ASP A 214 5.20 4.60 -2.31
CA ASP A 214 5.24 3.16 -2.45
C ASP A 214 6.68 2.67 -2.34
N ILE A 215 7.12 2.45 -1.12
CA ILE A 215 8.47 1.98 -0.88
C ILE A 215 8.67 0.63 -1.55
N TRP A 216 7.68 -0.25 -1.36
CA TRP A 216 7.78 -1.61 -1.85
C TRP A 216 6.48 -2.21 -2.33
N GLU A 217 6.49 -2.64 -3.60
CA GLU A 217 5.34 -3.33 -4.19
C GLU A 217 6.06 -4.46 -4.89
N ALA A 218 5.84 -5.69 -4.44
CA ALA A 218 6.57 -6.81 -5.00
C ALA A 218 6.07 -8.20 -4.68
N ASN A 219 6.63 -9.15 -5.41
CA ASN A 219 6.39 -10.57 -5.21
C ASN A 219 7.76 -11.19 -5.51
N SER A 220 7.83 -12.52 -5.62
CA SER A 220 9.10 -13.19 -5.88
C SER A 220 9.67 -12.94 -7.29
N ILE A 221 8.84 -12.34 -8.16
CA ILE A 221 9.25 -12.06 -9.54
C ILE A 221 9.69 -10.62 -9.82
N SER A 222 8.92 -9.64 -9.36
CA SER A 222 9.23 -8.24 -9.60
C SER A 222 9.03 -7.36 -8.37
N GLU A 223 9.68 -6.20 -8.38
CA GLU A 223 9.58 -5.23 -7.30
C GLU A 223 9.70 -3.82 -7.86
N ALA A 224 9.00 -2.88 -7.25
CA ALA A 224 9.01 -1.50 -7.71
C ALA A 224 9.01 -0.50 -6.56
N LEU A 225 9.64 0.63 -6.79
CA LEU A 225 9.75 1.74 -5.82
C LEU A 225 9.08 2.91 -6.54
N THR A 226 8.03 3.47 -5.95
CA THR A 226 7.29 4.52 -6.63
C THR A 226 6.65 5.66 -5.83
N PRO A 227 7.15 6.90 -5.99
CA PRO A 227 6.55 8.04 -5.28
C PRO A 227 5.36 8.55 -6.12
N HIS A 228 4.27 8.92 -5.45
CA HIS A 228 3.06 9.42 -6.11
C HIS A 228 2.62 10.76 -5.52
N PRO A 229 2.81 11.86 -6.26
CA PRO A 229 2.39 13.17 -5.73
C PRO A 229 0.91 13.46 -6.00
N CYS A 230 0.36 14.39 -5.22
CA CYS A 230 -1.03 14.85 -5.36
C CYS A 230 -0.97 16.35 -5.14
N THR A 231 -1.84 17.08 -5.83
CA THR A 231 -1.92 18.55 -5.72
C THR A 231 -2.25 18.98 -4.29
N THR A 232 -2.95 18.12 -3.57
CA THR A 232 -3.27 18.34 -2.16
C THR A 232 -2.49 17.23 -1.48
N VAL A 233 -1.56 17.62 -0.63
CA VAL A 233 -0.70 16.67 0.07
C VAL A 233 -1.41 15.61 0.92
N GLY A 234 -2.25 16.05 1.86
CA GLY A 234 -2.94 15.13 2.74
C GLY A 234 -4.28 14.58 2.26
N GLN A 235 -4.95 13.88 3.17
CA GLN A 235 -6.25 13.27 2.88
C GLN A 235 -7.29 14.30 2.46
N GLU A 236 -7.95 14.02 1.34
CA GLU A 236 -8.98 14.89 0.79
C GLU A 236 -9.97 14.07 -0.01
N ILE A 237 -11.25 14.30 0.24
CA ILE A 237 -12.32 13.58 -0.46
C ILE A 237 -12.42 14.07 -1.91
N CYS A 238 -12.88 13.18 -2.79
CA CYS A 238 -13.05 13.52 -4.20
C CYS A 238 -14.42 13.02 -4.65
N GLU A 239 -14.92 13.60 -5.74
CA GLU A 239 -16.24 13.25 -6.27
C GLU A 239 -16.20 12.45 -7.56
N GLY A 240 -16.83 11.28 -7.55
CA GLY A 240 -16.91 10.42 -8.72
C GLY A 240 -15.69 10.27 -9.59
N ASP A 241 -15.90 10.42 -10.90
CA ASP A 241 -14.81 10.29 -11.88
C ASP A 241 -13.73 11.35 -11.76
N GLY A 242 -14.02 12.43 -11.03
CA GLY A 242 -13.05 13.47 -10.82
C GLY A 242 -11.95 12.95 -9.91
N CYS A 243 -12.19 11.76 -9.34
CA CYS A 243 -11.24 11.12 -8.45
C CYS A 243 -10.06 10.57 -9.22
N GLY A 244 -10.31 10.14 -10.44
CA GLY A 244 -9.25 9.53 -11.23
C GLY A 244 -8.95 8.19 -10.59
N GLY A 245 -7.77 7.65 -10.85
CA GLY A 245 -7.38 6.38 -10.26
C GLY A 245 -7.99 5.11 -10.83
N THR A 246 -7.61 3.98 -10.23
CA THR A 246 -8.06 2.65 -10.63
C THR A 246 -9.57 2.47 -10.67
N TYR A 247 -10.26 3.06 -9.70
CA TYR A 247 -11.72 2.93 -9.59
C TYR A 247 -12.57 3.84 -10.48
N SER A 248 -11.92 4.65 -11.30
CA SER A 248 -12.65 5.54 -12.21
C SER A 248 -12.37 5.13 -13.64
N ASP A 249 -13.20 5.59 -14.57
CA ASP A 249 -13.00 5.27 -15.98
C ASP A 249 -11.77 6.00 -16.53
N ASN A 250 -11.63 7.27 -16.16
CA ASN A 250 -10.48 8.10 -16.57
C ASN A 250 -9.59 8.18 -15.33
N ARG A 251 -8.42 7.55 -15.39
CA ARG A 251 -7.52 7.55 -14.24
C ARG A 251 -6.72 8.84 -14.01
N TYR A 252 -6.73 9.78 -14.96
CA TYR A 252 -5.96 11.02 -14.83
C TYR A 252 -6.76 12.29 -14.58
N GLY A 253 -8.08 12.17 -14.47
CA GLY A 253 -8.89 13.36 -14.26
C GLY A 253 -9.02 13.76 -12.79
N GLY A 254 -7.99 13.47 -11.98
CA GLY A 254 -8.05 13.79 -10.57
C GLY A 254 -6.90 14.64 -10.06
N THR A 255 -6.82 14.76 -8.72
CA THR A 255 -5.80 15.54 -8.03
C THR A 255 -4.51 14.76 -7.74
N CYS A 256 -4.55 13.44 -7.83
CA CYS A 256 -3.38 12.60 -7.56
C CYS A 256 -2.85 11.95 -8.82
N ASP A 257 -1.59 11.55 -8.76
CA ASP A 257 -0.93 10.88 -9.87
C ASP A 257 -1.02 9.38 -9.54
N PRO A 258 -1.86 8.63 -10.30
CA PRO A 258 -2.05 7.19 -10.11
C PRO A 258 -0.93 6.30 -10.63
N ASP A 259 -0.05 6.85 -11.47
CA ASP A 259 1.05 6.08 -12.03
C ASP A 259 2.34 6.20 -11.23
N GLY A 260 2.74 7.45 -10.96
CA GLY A 260 3.94 7.69 -10.19
C GLY A 260 5.20 7.57 -11.03
N CYS A 261 6.32 7.91 -10.41
CA CYS A 261 7.62 7.81 -11.07
C CYS A 261 8.18 6.51 -10.55
N ASP A 262 7.80 5.41 -11.19
CA ASP A 262 8.20 4.09 -10.76
C ASP A 262 9.59 3.65 -11.17
N TRP A 263 10.21 2.85 -10.31
CA TRP A 263 11.53 2.30 -10.58
C TRP A 263 11.48 0.80 -10.32
N ASN A 264 11.44 0.04 -11.41
CA ASN A 264 11.41 -1.41 -11.39
C ASN A 264 12.66 -1.82 -12.17
N PRO A 265 13.67 -2.37 -11.48
CA PRO A 265 14.92 -2.80 -12.11
C PRO A 265 14.75 -3.62 -13.40
N TYR A 266 13.80 -4.56 -13.38
CA TYR A 266 13.52 -5.40 -14.54
C TYR A 266 12.99 -4.55 -15.69
N ARG A 267 12.03 -3.67 -15.39
CA ARG A 267 11.44 -2.79 -16.40
C ARG A 267 12.49 -1.89 -17.02
N LEU A 268 13.50 -1.54 -16.23
CA LEU A 268 14.57 -0.66 -16.70
C LEU A 268 15.68 -1.39 -17.46
N GLY A 269 15.57 -2.70 -17.58
CA GLY A 269 16.58 -3.45 -18.33
C GLY A 269 17.38 -4.52 -17.61
N ASN A 270 17.43 -4.45 -16.28
CA ASN A 270 18.19 -5.43 -15.55
C ASN A 270 17.29 -6.58 -15.15
N THR A 271 17.23 -7.61 -15.99
CA THR A 271 16.38 -8.77 -15.77
C THR A 271 17.02 -9.86 -14.93
N SER A 272 18.25 -9.60 -14.47
CA SER A 272 18.98 -10.57 -13.66
C SER A 272 19.21 -10.14 -12.23
N PHE A 273 18.68 -8.98 -11.85
CA PHE A 273 18.88 -8.46 -10.51
C PHE A 273 18.04 -9.06 -9.39
N TYR A 274 16.76 -9.24 -9.65
CA TYR A 274 15.82 -9.72 -8.62
C TYR A 274 14.98 -10.89 -9.13
N GLY A 275 15.09 -12.04 -8.47
CA GLY A 275 14.30 -13.18 -8.90
C GLY A 275 14.56 -14.42 -8.08
N PRO A 276 13.79 -15.51 -8.28
CA PRO A 276 13.94 -16.75 -7.53
C PRO A 276 15.14 -17.61 -7.93
N GLY A 277 15.99 -17.93 -6.95
CA GLY A 277 17.15 -18.76 -7.23
C GLY A 277 18.49 -18.05 -7.34
N SER A 278 19.54 -18.83 -7.46
CA SER A 278 20.91 -18.31 -7.54
C SER A 278 21.33 -17.64 -8.85
N SER A 279 20.45 -17.61 -9.84
CA SER A 279 20.79 -16.97 -11.11
C SER A 279 20.51 -15.47 -11.07
N PHE A 280 20.00 -15.00 -9.94
CA PHE A 280 19.69 -13.57 -9.76
C PHE A 280 20.62 -12.98 -8.71
N THR A 281 20.87 -11.67 -8.81
CA THR A 281 21.72 -10.97 -7.85
C THR A 281 21.10 -11.13 -6.46
N LEU A 282 19.80 -10.87 -6.37
CA LEU A 282 19.03 -11.01 -5.14
C LEU A 282 18.11 -12.20 -5.34
N ASP A 283 18.34 -13.25 -4.56
CA ASP A 283 17.58 -14.50 -4.61
C ASP A 283 16.29 -14.34 -3.78
N THR A 284 15.15 -14.25 -4.45
CA THR A 284 13.87 -14.05 -3.76
C THR A 284 13.30 -15.25 -2.99
N THR A 285 14.01 -16.38 -2.99
CA THR A 285 13.55 -17.53 -2.22
C THR A 285 14.07 -17.35 -0.80
N LYS A 286 14.92 -16.33 -0.61
CA LYS A 286 15.51 -16.02 0.68
C LYS A 286 15.18 -14.60 1.12
N LYS A 287 15.19 -14.37 2.43
CA LYS A 287 14.91 -13.06 2.99
C LYS A 287 15.96 -12.04 2.56
N LEU A 288 15.52 -10.80 2.36
CA LEU A 288 16.43 -9.72 1.96
C LEU A 288 16.09 -8.45 2.72
N THR A 289 17.08 -7.56 2.83
CA THR A 289 16.92 -6.28 3.51
C THR A 289 16.83 -5.20 2.45
N VAL A 290 15.88 -4.30 2.64
CA VAL A 290 15.63 -3.20 1.71
C VAL A 290 15.75 -1.86 2.46
N VAL A 291 16.66 -1.00 2.01
CA VAL A 291 16.86 0.30 2.63
C VAL A 291 16.54 1.41 1.64
N THR A 292 15.73 2.37 2.07
CA THR A 292 15.32 3.48 1.22
C THR A 292 15.61 4.78 1.95
N GLN A 293 16.41 5.64 1.31
CA GLN A 293 16.83 6.92 1.89
C GLN A 293 16.25 8.13 1.17
N PHE A 294 15.74 9.07 1.96
CA PHE A 294 15.14 10.27 1.42
C PHE A 294 15.97 11.51 1.69
N GLU A 295 16.91 11.80 0.79
CA GLU A 295 17.76 12.95 0.98
C GLU A 295 16.98 14.25 0.82
N THR A 296 17.44 15.31 1.49
CA THR A 296 16.74 16.59 1.46
C THR A 296 16.53 17.22 0.09
N SER A 297 17.26 16.78 -0.93
CA SER A 297 17.07 17.35 -2.27
C SER A 297 15.72 16.91 -2.83
N GLY A 298 15.17 15.83 -2.29
CA GLY A 298 13.89 15.31 -2.76
C GLY A 298 14.10 14.00 -3.50
N ALA A 299 15.36 13.66 -3.77
CA ALA A 299 15.69 12.44 -4.48
C ALA A 299 15.66 11.26 -3.54
N ILE A 300 15.50 10.06 -4.10
CA ILE A 300 15.42 8.85 -3.29
C ILE A 300 16.50 7.84 -3.66
N ASN A 301 17.22 7.35 -2.67
CA ASN A 301 18.26 6.36 -2.90
C ASN A 301 17.83 5.02 -2.30
N ARG A 302 18.42 3.95 -2.81
CA ARG A 302 18.05 2.61 -2.40
C ARG A 302 19.19 1.61 -2.48
N TYR A 303 19.27 0.74 -1.48
CA TYR A 303 20.24 -0.32 -1.49
C TYR A 303 19.62 -1.52 -0.79
N TYR A 304 20.18 -2.69 -1.09
CA TYR A 304 19.69 -3.96 -0.56
C TYR A 304 20.83 -4.70 0.09
N VAL A 305 20.48 -5.62 0.99
CA VAL A 305 21.49 -6.43 1.64
C VAL A 305 20.95 -7.86 1.74
N GLN A 306 21.75 -8.81 1.31
CA GLN A 306 21.36 -10.22 1.41
C GLN A 306 22.62 -11.03 1.70
N ASN A 307 22.56 -11.81 2.77
CA ASN A 307 23.67 -12.65 3.20
C ASN A 307 24.93 -11.81 3.47
N GLY A 308 24.71 -10.58 3.94
CA GLY A 308 25.82 -9.70 4.25
C GLY A 308 26.39 -8.94 3.08
N VAL A 309 25.89 -9.22 1.88
CA VAL A 309 26.37 -8.53 0.68
C VAL A 309 25.44 -7.37 0.35
N THR A 310 26.03 -6.20 0.15
CA THR A 310 25.28 -4.98 -0.16
C THR A 310 25.27 -4.68 -1.65
N PHE A 311 24.11 -4.24 -2.14
CA PHE A 311 23.94 -3.89 -3.54
C PHE A 311 23.13 -2.61 -3.63
N GLN A 312 23.69 -1.59 -4.28
CA GLN A 312 22.98 -0.32 -4.45
C GLN A 312 21.93 -0.62 -5.53
N GLN A 313 20.93 0.24 -5.66
CA GLN A 313 19.90 0.08 -6.70
C GLN A 313 20.72 0.00 -8.00
N PRO A 314 20.43 -0.98 -8.87
CA PRO A 314 21.19 -1.10 -10.13
C PRO A 314 21.12 0.13 -11.01
N ASN A 315 22.23 0.43 -11.68
CA ASN A 315 22.25 1.57 -12.59
C ASN A 315 21.32 1.30 -13.76
N ALA A 316 20.72 2.38 -14.26
CA ALA A 316 19.82 2.31 -15.39
C ALA A 316 20.14 3.49 -16.30
N GLU A 317 20.02 3.26 -17.60
CA GLU A 317 20.25 4.30 -18.60
C GLU A 317 18.96 4.41 -19.37
N LEU A 318 18.37 5.60 -19.33
CA LEU A 318 17.09 5.87 -20.00
C LEU A 318 17.15 7.27 -20.57
N GLY A 319 17.15 7.38 -21.89
CA GLY A 319 17.24 8.68 -22.53
C GLY A 319 18.58 9.28 -22.16
N SER A 320 18.57 10.51 -21.65
CA SER A 320 19.79 11.18 -21.23
C SER A 320 20.14 10.88 -19.77
N TYR A 321 19.28 10.13 -19.08
CA TYR A 321 19.51 9.79 -17.70
C TYR A 321 20.39 8.56 -17.54
N SER A 322 21.27 8.60 -16.54
CA SER A 322 22.15 7.48 -16.22
C SER A 322 22.48 7.56 -14.73
N GLY A 323 22.25 6.46 -14.01
CA GLY A 323 22.54 6.43 -12.59
C GLY A 323 21.62 5.47 -11.85
N ASN A 324 21.66 5.52 -10.51
CA ASN A 324 20.80 4.65 -9.71
C ASN A 324 19.96 5.40 -8.68
N GLU A 325 19.95 6.73 -8.79
CA GLU A 325 19.17 7.56 -7.88
C GLU A 325 17.89 8.01 -8.53
N LEU A 326 16.77 7.86 -7.82
CA LEU A 326 15.48 8.27 -8.33
C LEU A 326 15.36 9.78 -8.07
N ASN A 327 15.66 10.58 -9.10
CA ASN A 327 15.61 12.02 -9.01
C ASN A 327 14.82 12.62 -10.16
N ASP A 328 14.76 13.96 -10.23
CA ASP A 328 14.02 14.66 -11.27
C ASP A 328 14.42 14.23 -12.68
N ASP A 329 15.73 14.06 -12.90
CA ASP A 329 16.21 13.66 -14.21
C ASP A 329 15.68 12.30 -14.60
N TYR A 330 15.59 11.38 -13.63
CA TYR A 330 15.07 10.04 -13.92
C TYR A 330 13.59 10.12 -14.30
N CYS A 331 12.80 10.74 -13.44
CA CYS A 331 11.37 10.85 -13.67
C CYS A 331 10.99 11.54 -14.97
N THR A 332 11.77 12.55 -15.36
CA THR A 332 11.52 13.27 -16.60
C THR A 332 11.93 12.41 -17.78
N ALA A 333 13.04 11.68 -17.63
CA ALA A 333 13.53 10.78 -18.67
C ALA A 333 12.54 9.64 -18.89
N GLU A 334 11.96 9.16 -17.79
CA GLU A 334 11.00 8.06 -17.87
C GLU A 334 9.76 8.47 -18.64
N GLU A 335 9.23 9.66 -18.36
CA GLU A 335 8.05 10.13 -19.06
C GLU A 335 8.37 10.31 -20.54
N ALA A 336 9.60 10.71 -20.82
CA ALA A 336 10.03 10.94 -22.20
C ALA A 336 10.15 9.63 -22.99
N GLU A 337 10.73 8.62 -22.36
CA GLU A 337 10.95 7.34 -23.00
C GLU A 337 9.75 6.38 -22.98
N PHE A 338 9.14 6.23 -21.81
CA PHE A 338 7.99 5.34 -21.65
C PHE A 338 6.64 5.99 -21.97
N GLY A 339 6.57 7.31 -21.85
CA GLY A 339 5.33 8.02 -22.13
C GLY A 339 4.62 8.46 -20.87
N GLY A 340 3.71 9.42 -21.01
CA GLY A 340 2.96 9.90 -19.87
C GLY A 340 3.39 11.24 -19.32
N SER A 341 2.49 11.88 -18.58
CA SER A 341 2.76 13.19 -17.98
C SER A 341 2.10 13.36 -16.62
N SER A 342 1.50 12.30 -16.10
CA SER A 342 0.82 12.33 -14.81
C SER A 342 1.69 12.81 -13.64
N PHE A 343 2.86 12.19 -13.48
CA PHE A 343 3.79 12.53 -12.40
C PHE A 343 4.19 14.01 -12.42
N SER A 344 4.61 14.51 -13.57
CA SER A 344 5.02 15.91 -13.67
C SER A 344 3.84 16.87 -13.60
N ASP A 345 2.69 16.44 -14.11
CA ASP A 345 1.48 17.25 -14.07
C ASP A 345 1.09 17.54 -12.62
N LYS A 346 1.36 16.57 -11.75
CA LYS A 346 1.05 16.69 -10.33
C LYS A 346 2.17 17.27 -9.48
N GLY A 347 3.19 17.84 -10.12
CA GLY A 347 4.27 18.46 -9.37
C GLY A 347 5.58 17.71 -9.17
N GLY A 348 5.66 16.47 -9.64
CA GLY A 348 6.87 15.70 -9.51
C GLY A 348 7.40 15.50 -8.10
N LEU A 349 8.72 15.38 -7.99
CA LEU A 349 9.37 15.17 -6.70
C LEU A 349 9.31 16.39 -5.80
N THR A 350 9.17 17.57 -6.40
CA THR A 350 9.09 18.80 -5.61
C THR A 350 7.79 18.79 -4.81
N GLN A 351 6.69 18.42 -5.48
CA GLN A 351 5.40 18.35 -4.81
C GLN A 351 5.42 17.19 -3.83
N PHE A 352 6.07 16.10 -4.24
CA PHE A 352 6.14 14.93 -3.38
C PHE A 352 6.94 15.21 -2.11
N LYS A 353 7.89 16.12 -2.20
CA LYS A 353 8.72 16.47 -1.05
C LYS A 353 7.88 17.08 0.07
N LYS A 354 6.76 17.70 -0.30
CA LYS A 354 5.86 18.30 0.68
C LYS A 354 5.23 17.22 1.57
N ALA A 355 5.09 16.01 1.01
CA ALA A 355 4.52 14.88 1.75
C ALA A 355 5.55 14.27 2.70
N THR A 356 6.76 14.04 2.19
CA THR A 356 7.83 13.45 3.01
C THR A 356 8.33 14.41 4.10
N SER A 357 8.06 15.70 3.91
CA SER A 357 8.45 16.72 4.90
C SER A 357 7.49 16.68 6.08
N GLY A 358 6.27 16.20 5.83
CA GLY A 358 5.25 16.09 6.86
C GLY A 358 5.17 14.65 7.35
N GLY A 359 4.20 14.38 8.22
CA GLY A 359 4.06 13.02 8.73
C GLY A 359 3.30 12.10 7.79
N MET A 360 3.68 10.83 7.78
CA MET A 360 3.04 9.81 6.95
C MET A 360 2.89 8.52 7.74
N VAL A 361 1.80 7.80 7.47
CA VAL A 361 1.48 6.55 8.14
C VAL A 361 1.99 5.32 7.36
N LEU A 362 2.60 4.38 8.08
CA LEU A 362 3.12 3.16 7.50
C LEU A 362 2.00 2.14 7.25
N VAL A 363 1.97 1.61 6.04
CA VAL A 363 0.98 0.62 5.63
C VAL A 363 1.69 -0.64 5.13
N MET A 364 1.16 -1.80 5.51
CA MET A 364 1.67 -3.10 5.09
C MET A 364 0.47 -3.91 4.64
N SER A 365 0.54 -4.44 3.42
CA SER A 365 -0.57 -5.20 2.88
C SER A 365 -0.16 -6.35 1.97
N LEU A 366 -1.17 -7.15 1.63
CA LEU A 366 -1.02 -8.28 0.73
C LEU A 366 -2.32 -8.29 -0.07
N TRP A 367 -2.19 -8.19 -1.39
CA TRP A 367 -3.36 -8.15 -2.26
C TRP A 367 -3.16 -8.70 -3.65
N ASP A 368 -4.29 -9.03 -4.28
CA ASP A 368 -4.28 -9.43 -5.67
C ASP A 368 -5.10 -8.35 -6.38
N ASP A 369 -4.89 -8.22 -7.67
CA ASP A 369 -5.47 -7.17 -8.48
C ASP A 369 -6.68 -7.54 -9.33
N TYR A 370 -7.87 -7.09 -8.92
CA TYR A 370 -9.10 -7.36 -9.65
C TYR A 370 -9.28 -6.49 -10.88
N TYR A 371 -8.45 -5.47 -11.03
CA TYR A 371 -8.54 -4.56 -12.17
C TYR A 371 -7.54 -4.80 -13.30
N ALA A 372 -6.32 -5.21 -12.94
CA ALA A 372 -5.30 -5.46 -13.96
C ALA A 372 -4.43 -6.69 -13.73
N ASN A 373 -4.86 -7.56 -12.81
CA ASN A 373 -4.15 -8.81 -12.51
C ASN A 373 -2.66 -8.67 -12.18
N MET A 374 -2.27 -7.50 -11.66
CA MET A 374 -0.89 -7.20 -11.28
C MET A 374 0.09 -7.25 -12.45
N LEU A 375 -0.43 -7.21 -13.67
CA LEU A 375 0.40 -7.27 -14.87
C LEU A 375 1.35 -6.08 -15.00
N TRP A 376 0.92 -4.93 -14.50
CA TRP A 376 1.73 -3.71 -14.52
C TRP A 376 3.01 -3.89 -13.70
N LEU A 377 3.00 -4.84 -12.77
CA LEU A 377 4.14 -5.09 -11.91
C LEU A 377 5.08 -6.20 -12.37
N ASP A 378 4.50 -7.34 -12.75
CA ASP A 378 5.32 -8.50 -13.10
C ASP A 378 5.16 -9.13 -14.48
N SER A 379 4.49 -8.46 -15.42
CA SER A 379 4.28 -9.04 -16.74
C SER A 379 4.47 -7.97 -17.82
N THR A 380 3.88 -8.19 -18.99
CA THR A 380 3.94 -7.23 -20.08
C THR A 380 2.61 -6.50 -20.03
N TYR A 381 2.67 -5.17 -20.06
CA TYR A 381 1.45 -4.36 -19.96
C TYR A 381 1.52 -3.05 -20.71
N PRO A 382 0.54 -2.77 -21.60
CA PRO A 382 -0.61 -3.62 -21.93
C PRO A 382 -0.14 -4.95 -22.54
N THR A 383 -0.96 -5.99 -22.39
CA THR A 383 -0.63 -7.32 -22.85
C THR A 383 -0.41 -7.51 -24.35
N ASN A 384 -0.87 -6.57 -25.16
CA ASN A 384 -0.69 -6.66 -26.62
C ASN A 384 0.63 -6.05 -27.09
N GLU A 385 1.36 -5.43 -26.17
CA GLU A 385 2.64 -4.82 -26.49
C GLU A 385 3.74 -5.87 -26.48
N THR A 386 4.89 -5.53 -27.05
CA THR A 386 6.02 -6.45 -27.07
C THR A 386 7.21 -5.80 -26.39
N SER A 387 8.32 -6.54 -26.33
CA SER A 387 9.55 -6.05 -25.72
C SER A 387 10.09 -4.84 -26.46
N SER A 388 9.64 -4.64 -27.70
CA SER A 388 10.09 -3.51 -28.51
C SER A 388 9.46 -2.20 -28.03
N THR A 389 8.35 -2.30 -27.31
CA THR A 389 7.67 -1.12 -26.77
C THR A 389 8.41 -0.76 -25.48
N PRO A 390 8.94 0.47 -25.39
CA PRO A 390 9.67 0.94 -24.21
C PRO A 390 8.86 0.83 -22.91
N GLY A 391 9.43 0.13 -21.93
CA GLY A 391 8.78 -0.03 -20.64
C GLY A 391 7.63 -1.03 -20.52
N ALA A 392 7.22 -1.63 -21.63
CA ALA A 392 6.11 -2.58 -21.62
C ALA A 392 6.34 -3.83 -20.76
N VAL A 393 7.53 -4.42 -20.84
CA VAL A 393 7.83 -5.61 -20.05
C VAL A 393 8.38 -5.23 -18.68
N ARG A 394 7.65 -5.63 -17.64
CA ARG A 394 8.02 -5.33 -16.26
C ARG A 394 8.43 -6.55 -15.45
N GLY A 395 8.16 -7.73 -15.99
CA GLY A 395 8.50 -8.96 -15.31
C GLY A 395 8.37 -10.14 -16.24
N SER A 396 8.69 -11.33 -15.73
CA SER A 396 8.64 -12.55 -16.53
C SER A 396 7.33 -13.33 -16.46
N CYS A 397 6.35 -12.81 -15.73
CA CYS A 397 5.07 -13.51 -15.62
C CYS A 397 4.31 -13.44 -16.93
N SER A 398 3.54 -14.49 -17.19
CA SER A 398 2.72 -14.56 -18.40
C SER A 398 1.65 -13.49 -18.31
N THR A 399 1.26 -12.95 -19.46
CA THR A 399 0.20 -11.95 -19.53
C THR A 399 -1.15 -12.54 -19.11
N SER A 400 -1.20 -13.86 -18.96
CA SER A 400 -2.42 -14.55 -18.54
C SER A 400 -2.46 -14.77 -17.03
N SER A 401 -1.41 -14.35 -16.34
CA SER A 401 -1.29 -14.55 -14.90
C SER A 401 -2.06 -13.55 -14.03
N GLY A 402 -2.20 -13.89 -12.76
CA GLY A 402 -2.85 -13.00 -11.81
C GLY A 402 -4.35 -12.92 -11.71
N VAL A 403 -5.10 -13.78 -12.42
CA VAL A 403 -6.56 -13.75 -12.28
C VAL A 403 -6.83 -14.05 -10.81
N PRO A 404 -7.46 -13.10 -10.10
CA PRO A 404 -7.77 -13.27 -8.67
C PRO A 404 -8.35 -14.62 -8.26
N ALA A 405 -9.44 -15.03 -8.91
CA ALA A 405 -10.06 -16.31 -8.55
C ALA A 405 -9.12 -17.49 -8.77
N GLN A 406 -8.29 -17.42 -9.81
CA GLN A 406 -7.38 -18.51 -10.09
C GLN A 406 -6.22 -18.59 -9.09
N VAL A 407 -5.59 -17.45 -8.79
CA VAL A 407 -4.48 -17.44 -7.84
C VAL A 407 -4.94 -17.74 -6.41
N GLU A 408 -6.14 -17.32 -6.06
CA GLU A 408 -6.69 -17.58 -4.72
C GLU A 408 -6.99 -19.07 -4.56
N SER A 409 -7.35 -19.71 -5.67
CA SER A 409 -7.65 -21.14 -5.67
C SER A 409 -6.37 -21.97 -5.71
N GLN A 410 -5.40 -21.53 -6.50
CA GLN A 410 -4.13 -22.24 -6.66
C GLN A 410 -3.06 -21.99 -5.62
N SER A 411 -3.03 -20.78 -5.07
CA SER A 411 -2.01 -20.41 -4.08
C SER A 411 -2.59 -19.80 -2.80
N PRO A 412 -3.58 -20.46 -2.17
CA PRO A 412 -4.19 -19.93 -0.95
C PRO A 412 -3.22 -19.77 0.22
N ASN A 413 -2.20 -20.62 0.28
CA ASN A 413 -1.21 -20.57 1.34
C ASN A 413 -0.08 -19.58 1.09
N ALA A 414 -0.22 -18.75 0.06
CA ALA A 414 0.78 -17.73 -0.24
C ALA A 414 0.78 -16.77 0.95
N LYS A 415 1.89 -16.06 1.15
CA LYS A 415 1.99 -15.11 2.27
C LYS A 415 3.20 -14.22 2.13
N VAL A 416 3.25 -13.20 2.99
CA VAL A 416 4.37 -12.26 3.00
C VAL A 416 4.74 -11.99 4.45
N THR A 417 6.03 -11.87 4.71
CA THR A 417 6.50 -11.58 6.05
C THR A 417 7.43 -10.38 6.06
N PHE A 418 6.98 -9.34 6.75
CA PHE A 418 7.73 -8.10 6.91
C PHE A 418 8.31 -8.12 8.31
N SER A 419 9.59 -7.78 8.45
CA SER A 419 10.22 -7.81 9.77
C SER A 419 11.37 -6.83 9.93
N ASN A 420 11.85 -6.71 11.17
CA ASN A 420 12.98 -5.85 11.53
C ASN A 420 12.94 -4.44 10.93
N ILE A 421 11.83 -3.75 11.15
CA ILE A 421 11.68 -2.38 10.67
C ILE A 421 12.61 -1.49 11.48
N LYS A 422 13.38 -0.64 10.78
CA LYS A 422 14.30 0.27 11.44
C LYS A 422 14.17 1.61 10.72
N PHE A 423 14.08 2.68 11.50
CA PHE A 423 13.91 4.02 10.94
C PHE A 423 14.77 5.04 11.69
N GLY A 424 15.32 5.99 10.96
CA GLY A 424 16.14 7.02 11.55
C GLY A 424 16.88 7.82 10.51
N PRO A 425 17.80 8.71 10.94
CA PRO A 425 18.57 9.52 10.00
C PRO A 425 19.31 8.66 8.98
N ILE A 426 19.56 9.23 7.80
CA ILE A 426 20.28 8.53 6.76
C ILE A 426 21.64 8.09 7.33
N GLY A 427 21.98 6.82 7.09
CA GLY A 427 23.23 6.25 7.55
C GLY A 427 23.20 5.65 8.95
N SER A 428 22.02 5.59 9.57
CA SER A 428 21.90 5.07 10.93
C SER A 428 21.25 3.70 11.14
N THR A 429 20.40 3.26 10.22
CA THR A 429 19.69 1.99 10.42
C THR A 429 20.50 0.71 10.31
N GLY A 430 21.74 0.82 9.83
CA GLY A 430 22.60 -0.34 9.71
C GLY A 430 23.38 -0.61 10.98
N ASN A 431 23.16 0.22 12.01
CA ASN A 431 23.84 0.07 13.28
C ASN A 431 23.09 -0.91 14.19
N PRO A 432 23.77 -1.44 15.23
CA PRO A 432 23.12 -2.38 16.16
C PRO A 432 21.79 -1.97 16.78
N SER A 433 20.84 -2.89 16.73
CA SER A 433 19.50 -2.69 17.29
C SER A 433 19.54 -2.72 18.81
N GLY A 434 18.68 -1.93 19.44
CA GLY A 434 18.64 -1.87 20.89
C GLY A 434 17.81 -2.97 21.54
#